data_5XZE
#
_entry.id   5XZE
#
_cell.length_a   85.285
_cell.length_b   98.633
_cell.length_c   129.175
_cell.angle_alpha   90.000
_cell.angle_beta   90.000
_cell.angle_gamma   90.000
#
_symmetry.space_group_name_H-M   'I 2 2 2'
#
loop_
_entity.id
_entity.type
_entity.pdbx_description
1 polymer 'Cyclic GMP-AMP synthase'
2 polymer "DNA (5'-D(*AP*AP*AP*TP*TP*GP*CP*CP*GP*AP*AP*GP*AP*CP*G)-3')"
3 polymer "DNA (5'-D(P*CP*GP*TP*CP*TP*TP*CP*GP*GP*CP*AP*AP*TP*T)-3')"
4 non-polymer 'ZINC ION'
5 non-polymer (3R)-3-[1-(3H-1lambda~4~,3-benzothiazol-2-yl)-5-hydroxy-3-methyl-1H-pyrazol-4-yl]-2-benzofuran-1(3H)-one
6 water water
#
loop_
_entity_poly.entity_id
_entity_poly.type
_entity_poly.pdbx_seq_one_letter_code
_entity_poly.pdbx_strand_id
1 'polypeptide(L)'
;SPDKLKKVLDKLRLKRKDISEAAETVNKVVERLLRRMQKRESEFKGVEQLNTGSYYEHVKISAPNEFDVMFKLEVPRIEL
QEYYETGAFYLVKFKRIPRGNPLSHFLEGEVLSATKMLSKFRKIIKEEVKEIKDIDVSVEKEKPGSPAVTLLIRNPEEIS
VDIILALESKGSWPISTKEGLPIQGWLGTKVRTNLRREPFYLVPKNAKDGNSFQGETWRLSFSHTEKYILNNHGIEKTCC
ESSGAKCCRKECLKLMKYLLEQLKKEFQELDAFCSYHVKTAIFHMWTQDPQDSQWDPRNLSSCFDKLLAFFLECLRTEKL
DHYFIPKFNLFSQELIDRKSKEFLSKKIEYERNNGFPIFDKL
;
A
2 'polydeoxyribonucleotide' (DA)(DA)(DA)(DT)(DT)(DG)(DC)(DC)(DG)(DA)(DA)(DG)(DA)(DC)(DG) E
3 'polydeoxyribonucleotide' (DC)(DG)(DT)(DC)(DT)(DT)(DC)(DG)(DG)(DC)(DA)(DA)(DT)(DT) F
#
# COMPACT_ATOMS: atom_id res chain seq x y z
N LYS A 4 -6.61 -16.96 23.35
CA LYS A 4 -7.84 -16.38 22.83
C LYS A 4 -7.58 -15.61 21.53
N LEU A 5 -6.64 -14.67 21.55
CA LEU A 5 -6.18 -14.04 20.32
C LEU A 5 -5.39 -15.01 19.47
N LYS A 6 -4.74 -15.96 20.15
CA LYS A 6 -4.01 -17.02 19.46
C LYS A 6 -4.97 -17.77 18.55
N LYS A 7 -6.10 -18.15 19.11
CA LYS A 7 -7.16 -18.83 18.38
C LYS A 7 -7.57 -18.06 17.12
N VAL A 8 -7.79 -16.76 17.27
CA VAL A 8 -8.17 -15.94 16.14
C VAL A 8 -7.10 -15.95 15.06
N LEU A 9 -5.84 -15.73 15.46
CA LEU A 9 -4.70 -15.81 14.54
C LEU A 9 -4.68 -17.15 13.80
N ASP A 10 -4.98 -18.23 14.50
CA ASP A 10 -5.10 -19.56 13.86
C ASP A 10 -6.10 -19.55 12.71
N LYS A 11 -7.18 -18.80 12.87
CA LYS A 11 -8.20 -18.75 11.83
C LYS A 11 -7.76 -17.85 10.68
N LEU A 12 -7.09 -16.74 10.98
CA LEU A 12 -6.64 -15.83 9.95
C LEU A 12 -5.53 -16.42 9.07
N ARG A 13 -4.73 -17.33 9.63
CA ARG A 13 -3.58 -17.89 8.92
C ARG A 13 -3.95 -18.55 7.60
N LEU A 14 -3.23 -18.19 6.55
CA LEU A 14 -3.49 -18.72 5.22
C LEU A 14 -3.11 -20.20 5.12
N LYS A 15 -3.93 -20.96 4.41
CA LYS A 15 -3.66 -22.38 4.22
C LYS A 15 -2.77 -22.56 3.00
N ARG A 16 -1.79 -23.45 3.10
CA ARG A 16 -0.79 -23.60 2.03
C ARG A 16 -1.38 -24.02 0.69
N LYS A 17 -2.28 -25.00 0.74
CA LYS A 17 -3.04 -25.42 -0.44
C LYS A 17 -3.68 -24.21 -1.14
N ASP A 18 -4.37 -23.38 -0.38
CA ASP A 18 -5.02 -22.20 -0.92
C ASP A 18 -4.00 -21.23 -1.56
N ILE A 19 -2.82 -21.12 -0.96
CA ILE A 19 -1.78 -20.23 -1.48
C ILE A 19 -1.26 -20.74 -2.83
N SER A 20 -1.05 -22.06 -2.93
CA SER A 20 -0.49 -22.65 -4.15
C SER A 20 -1.42 -22.51 -5.36
N GLU A 21 -2.71 -22.71 -5.14
CA GLU A 21 -3.69 -22.57 -6.20
C GLU A 21 -3.85 -21.12 -6.64
N ALA A 22 -3.80 -20.20 -5.68
CA ALA A 22 -3.96 -18.79 -6.00
C ALA A 22 -2.72 -18.24 -6.73
N ALA A 23 -1.54 -18.54 -6.20
CA ALA A 23 -0.28 -18.02 -6.73
C ALA A 23 -0.08 -18.46 -8.17
N GLU A 24 -0.28 -19.76 -8.38
CA GLU A 24 -0.16 -20.37 -9.71
C GLU A 24 -0.95 -19.60 -10.76
N THR A 25 -2.21 -19.30 -10.45
CA THR A 25 -3.06 -18.54 -11.36
C THR A 25 -2.65 -17.06 -11.44
N VAL A 26 -2.47 -16.42 -10.28
CA VAL A 26 -2.06 -15.01 -10.25
C VAL A 26 -0.77 -14.79 -11.05
N ASN A 27 0.27 -15.56 -10.72
CA ASN A 27 1.56 -15.45 -11.41
C ASN A 27 1.44 -15.64 -12.92
N LYS A 28 0.73 -16.68 -13.36
CA LYS A 28 0.61 -16.93 -14.79
C LYS A 28 0.00 -15.72 -15.53
N VAL A 29 -0.95 -15.05 -14.88
CA VAL A 29 -1.63 -13.92 -15.50
C VAL A 29 -0.75 -12.68 -15.56
N VAL A 30 -0.03 -12.41 -14.47
CA VAL A 30 0.83 -11.24 -14.40
C VAL A 30 2.00 -11.31 -15.39
N GLU A 31 2.60 -12.48 -15.55
CA GLU A 31 3.73 -12.59 -16.46
C GLU A 31 3.24 -12.38 -17.89
N ARG A 32 1.98 -12.71 -18.15
CA ARG A 32 1.42 -12.48 -19.47
C ARG A 32 1.26 -10.98 -19.72
N LEU A 33 0.75 -10.26 -18.74
CA LEU A 33 0.56 -8.83 -18.87
C LEU A 33 1.89 -8.09 -18.88
N LEU A 34 2.82 -8.54 -18.04
CA LEU A 34 4.16 -7.95 -18.01
C LEU A 34 4.81 -8.17 -19.36
N ARG A 35 4.70 -9.38 -19.90
CA ARG A 35 5.30 -9.71 -21.20
C ARG A 35 4.67 -8.87 -22.31
N ARG A 36 3.35 -8.71 -22.24
CA ARG A 36 2.61 -7.91 -23.21
C ARG A 36 3.07 -6.47 -23.14
N MET A 37 3.35 -6.02 -21.92
CA MET A 37 3.72 -4.64 -21.70
C MET A 37 5.00 -4.28 -22.39
N GLN A 38 5.88 -5.26 -22.53
CA GLN A 38 7.13 -5.03 -23.22
C GLN A 38 6.77 -5.08 -24.68
N LYS A 39 7.62 -5.65 -25.49
CA LYS A 39 7.24 -5.99 -26.85
C LYS A 39 6.95 -4.77 -27.70
N ARG A 40 8.04 -4.20 -28.18
CA ARG A 40 8.03 -3.11 -29.15
C ARG A 40 6.97 -2.09 -28.79
N GLU A 41 6.51 -1.39 -29.80
CA GLU A 41 5.34 -0.53 -29.69
C GLU A 41 5.26 0.26 -28.39
N SER A 42 4.71 -0.38 -27.37
CA SER A 42 4.17 0.28 -26.21
C SER A 42 5.09 1.25 -25.52
N GLU A 43 4.49 2.24 -24.93
CA GLU A 43 5.22 3.28 -24.26
C GLU A 43 5.86 2.73 -23.02
N PHE A 44 5.24 1.70 -22.48
CA PHE A 44 5.64 1.12 -21.21
C PHE A 44 6.68 0.01 -21.29
N LYS A 45 7.62 0.11 -22.19
CA LYS A 45 8.58 -1.03 -22.34
C LYS A 45 9.25 -1.48 -21.06
N GLY A 46 10.39 -0.87 -20.79
CA GLY A 46 11.27 -1.25 -19.70
C GLY A 46 10.63 -1.39 -18.33
N VAL A 47 9.34 -1.67 -18.27
CA VAL A 47 8.67 -1.87 -16.99
C VAL A 47 9.12 -3.18 -16.37
N GLU A 48 9.35 -3.11 -15.07
CA GLU A 48 9.80 -4.27 -14.33
C GLU A 48 8.85 -4.48 -13.18
N GLN A 49 8.74 -5.71 -12.73
CA GLN A 49 7.75 -6.05 -11.74
C GLN A 49 8.30 -5.90 -10.34
N LEU A 50 7.44 -5.41 -9.46
CA LEU A 50 7.72 -5.33 -8.04
C LEU A 50 6.44 -5.77 -7.33
N ASN A 51 6.55 -6.81 -6.53
CA ASN A 51 5.38 -7.31 -5.80
C ASN A 51 5.29 -6.60 -4.47
N THR A 52 4.11 -6.10 -4.16
CA THR A 52 3.89 -5.32 -2.94
C THR A 52 2.62 -5.82 -2.33
N GLY A 53 2.25 -5.32 -1.17
CA GLY A 53 0.94 -5.66 -0.64
C GLY A 53 1.01 -6.54 0.58
N SER A 54 -0.13 -6.70 1.25
CA SER A 54 -0.18 -7.52 2.45
C SER A 54 0.32 -8.94 2.19
N TYR A 55 -0.05 -9.51 1.04
CA TYR A 55 0.37 -10.87 0.68
C TYR A 55 1.90 -11.00 0.63
N TYR A 56 2.59 -10.08 -0.03
CA TYR A 56 4.04 -10.22 -0.17
C TYR A 56 4.78 -9.67 1.04
N GLU A 57 4.05 -9.15 2.02
CA GLU A 57 4.64 -8.75 3.28
C GLU A 57 4.37 -9.82 4.32
N HIS A 58 3.60 -10.83 3.90
CA HIS A 58 3.13 -11.90 4.76
C HIS A 58 2.21 -11.41 5.87
N VAL A 59 1.41 -10.39 5.59
CA VAL A 59 0.43 -9.95 6.59
C VAL A 59 -1.01 -10.02 6.05
N LYS A 60 -1.18 -10.68 4.91
CA LYS A 60 -2.52 -10.99 4.37
C LYS A 60 -3.27 -11.97 5.27
N ILE A 61 -4.55 -11.72 5.52
CA ILE A 61 -5.30 -12.62 6.40
C ILE A 61 -6.45 -13.33 5.70
N SER A 62 -7.00 -14.32 6.41
CA SER A 62 -8.20 -15.05 6.00
C SER A 62 -8.01 -15.89 4.75
N ALA A 63 -7.74 -15.22 3.63
CA ALA A 63 -7.67 -15.91 2.34
C ALA A 63 -6.71 -15.19 1.41
N PRO A 64 -6.04 -15.93 0.53
CA PRO A 64 -5.11 -15.31 -0.41
C PRO A 64 -5.84 -14.81 -1.65
N ASN A 65 -6.69 -13.80 -1.46
CA ASN A 65 -7.59 -13.34 -2.50
C ASN A 65 -7.37 -11.88 -2.94
N GLU A 66 -6.28 -11.27 -2.45
CA GLU A 66 -5.87 -9.92 -2.85
C GLU A 66 -4.36 -9.85 -3.14
N PHE A 67 -4.01 -9.42 -4.35
CA PHE A 67 -2.62 -9.33 -4.75
C PHE A 67 -2.29 -7.95 -5.34
N ASP A 68 -1.20 -7.34 -4.89
CA ASP A 68 -0.78 -6.05 -5.42
C ASP A 68 0.50 -6.17 -6.24
N VAL A 69 0.49 -5.60 -7.44
CA VAL A 69 1.65 -5.66 -8.31
C VAL A 69 1.95 -4.31 -8.92
N MET A 70 3.17 -3.85 -8.69
CA MET A 70 3.67 -2.62 -9.26
C MET A 70 4.40 -2.89 -10.57
N PHE A 71 3.91 -2.29 -11.66
CA PHE A 71 4.67 -2.24 -12.90
C PHE A 71 5.42 -0.92 -12.94
N LYS A 72 6.67 -0.93 -12.48
CA LYS A 72 7.46 0.29 -12.34
C LYS A 72 8.25 0.64 -13.60
N LEU A 73 8.12 1.89 -14.04
CA LEU A 73 8.85 2.36 -15.21
C LEU A 73 9.93 3.39 -14.85
N GLU A 74 11.15 3.10 -15.25
CA GLU A 74 12.26 4.02 -15.07
C GLU A 74 12.12 5.21 -16.02
N VAL A 75 11.92 6.39 -15.47
CA VAL A 75 11.89 7.59 -16.30
C VAL A 75 12.91 8.60 -15.81
N PRO A 76 13.97 8.80 -16.59
CA PRO A 76 15.06 9.70 -16.21
C PRO A 76 14.70 11.15 -16.50
N ARG A 77 15.40 12.08 -15.84
CA ARG A 77 15.27 13.51 -16.12
C ARG A 77 13.88 14.05 -15.82
N ILE A 78 13.36 13.82 -14.62
CA ILE A 78 12.07 14.42 -14.28
C ILE A 78 12.16 15.40 -13.12
N GLU A 79 11.38 16.47 -13.23
CA GLU A 79 11.24 17.44 -12.16
C GLU A 79 9.86 17.41 -11.51
N LEU A 80 9.87 17.51 -10.19
CA LEU A 80 8.65 17.48 -9.43
C LEU A 80 8.23 18.85 -8.95
N GLN A 81 6.94 19.12 -9.10
CA GLN A 81 6.32 20.27 -8.47
C GLN A 81 5.24 19.81 -7.51
N GLU A 82 5.42 20.19 -6.26
CA GLU A 82 4.49 19.85 -5.21
C GLU A 82 3.13 20.47 -5.53
N TYR A 83 2.12 19.61 -5.65
CA TYR A 83 0.76 20.08 -5.86
C TYR A 83 0.32 20.76 -4.58
N TYR A 84 0.32 22.10 -4.62
CA TYR A 84 0.06 22.93 -3.45
C TYR A 84 1.01 22.58 -2.31
N GLU A 85 0.47 22.23 -1.15
CA GLU A 85 1.32 21.87 -0.03
C GLU A 85 0.88 20.54 0.56
N THR A 86 0.46 19.65 -0.33
CA THR A 86 0.00 18.33 0.05
C THR A 86 1.18 17.49 0.56
N GLY A 87 2.32 17.60 -0.10
CA GLY A 87 3.48 16.79 0.25
C GLY A 87 3.49 15.42 -0.42
N ALA A 88 2.30 14.92 -0.74
CA ALA A 88 2.17 13.58 -1.30
C ALA A 88 1.89 13.62 -2.80
N PHE A 89 1.35 14.75 -3.27
CA PHE A 89 0.93 14.84 -4.66
C PHE A 89 1.80 15.78 -5.47
N TYR A 90 2.01 15.43 -6.73
CA TYR A 90 2.97 16.16 -7.54
C TYR A 90 2.55 16.28 -8.99
N LEU A 91 3.11 17.28 -9.67
CA LEU A 91 3.04 17.35 -11.11
C LEU A 91 4.40 16.95 -11.67
N VAL A 92 4.41 16.37 -12.86
CA VAL A 92 5.66 15.86 -13.44
C VAL A 92 6.02 16.53 -14.76
N LYS A 93 7.23 17.10 -14.81
CA LYS A 93 7.79 17.60 -16.06
C LYS A 93 9.13 16.95 -16.34
N PHE A 94 9.64 17.14 -17.55
CA PHE A 94 10.92 16.58 -17.93
C PHE A 94 11.99 17.65 -17.99
N LYS A 95 13.21 17.28 -17.63
CA LYS A 95 14.36 18.18 -17.68
C LYS A 95 14.41 18.93 -19.01
N ARG A 96 14.57 18.19 -20.09
CA ARG A 96 14.67 18.78 -21.43
C ARG A 96 13.90 17.96 -22.45
N ILE A 97 13.64 18.60 -23.60
CA ILE A 97 12.85 18.04 -24.69
C ILE A 97 13.29 16.63 -25.10
N PRO A 98 12.30 15.77 -25.39
CA PRO A 98 12.40 14.34 -25.72
C PRO A 98 13.41 13.95 -26.80
N ARG A 99 13.81 14.91 -27.63
CA ARG A 99 14.18 14.60 -29.02
C ARG A 99 12.93 13.93 -29.60
N GLY A 100 12.86 12.61 -29.45
CA GLY A 100 11.63 11.88 -29.72
C GLY A 100 11.62 10.60 -28.91
N ASN A 101 10.75 10.54 -27.89
CA ASN A 101 10.76 9.39 -26.98
C ASN A 101 9.35 9.02 -26.48
N PRO A 102 9.18 7.78 -25.97
CA PRO A 102 7.87 7.16 -25.68
C PRO A 102 6.77 8.03 -25.10
N LEU A 103 7.05 8.76 -24.04
CA LEU A 103 5.97 9.31 -23.21
C LEU A 103 5.47 10.68 -23.61
N SER A 104 5.80 11.11 -24.81
CA SER A 104 5.25 12.38 -25.26
C SER A 104 3.78 12.22 -25.64
N HIS A 105 3.21 11.02 -25.66
CA HIS A 105 1.86 11.02 -26.12
C HIS A 105 0.95 11.03 -24.87
N PHE A 106 1.60 11.28 -23.72
CA PHE A 106 0.94 11.48 -22.44
C PHE A 106 1.19 12.89 -21.88
N LEU A 107 1.78 13.77 -22.68
CA LEU A 107 2.05 15.11 -22.22
C LEU A 107 0.81 15.99 -22.34
N GLU A 108 0.79 17.06 -21.57
CA GLU A 108 -0.14 18.16 -21.79
C GLU A 108 0.64 19.45 -21.64
N GLY A 109 1.40 19.77 -22.68
CA GLY A 109 2.34 20.86 -22.65
C GLY A 109 3.66 20.33 -22.11
N GLU A 110 3.92 20.62 -20.85
CA GLU A 110 5.17 20.21 -20.24
C GLU A 110 4.90 19.20 -19.14
N VAL A 111 3.61 19.04 -18.83
CA VAL A 111 3.21 18.13 -17.74
C VAL A 111 2.96 16.73 -18.27
N LEU A 112 3.47 15.74 -17.54
CA LEU A 112 3.20 14.35 -17.85
C LEU A 112 1.99 13.87 -17.07
N SER A 113 0.81 14.08 -17.66
CA SER A 113 -0.48 13.72 -17.09
C SER A 113 -0.62 12.25 -16.69
N ALA A 114 -1.00 12.04 -15.44
CA ALA A 114 -1.25 10.71 -14.94
C ALA A 114 -2.41 10.05 -15.67
N THR A 115 -3.40 10.85 -16.09
CA THR A 115 -4.65 10.28 -16.57
C THR A 115 -4.54 9.69 -17.97
N LYS A 116 -3.84 10.37 -18.89
CA LYS A 116 -3.67 9.79 -20.22
C LYS A 116 -2.74 8.58 -20.13
N MET A 117 -1.70 8.68 -19.30
CA MET A 117 -0.75 7.58 -19.19
C MET A 117 -1.44 6.35 -18.60
N LEU A 118 -2.31 6.54 -17.61
CA LEU A 118 -3.02 5.43 -16.99
C LEU A 118 -4.07 4.86 -17.91
N SER A 119 -4.69 5.71 -18.71
CA SER A 119 -5.78 5.27 -19.57
C SER A 119 -5.26 4.38 -20.69
N LYS A 120 -4.04 4.68 -21.16
CA LYS A 120 -3.39 3.83 -22.15
C LYS A 120 -3.03 2.49 -21.52
N PHE A 121 -2.37 2.57 -20.36
CA PHE A 121 -1.95 1.41 -19.58
C PHE A 121 -3.13 0.48 -19.32
N ARG A 122 -4.28 1.06 -18.98
CA ARG A 122 -5.50 0.29 -18.76
C ARG A 122 -6.03 -0.31 -20.06
N LYS A 123 -6.00 0.47 -21.14
CA LYS A 123 -6.43 0.00 -22.45
C LYS A 123 -5.63 -1.23 -22.92
N ILE A 124 -4.32 -1.23 -22.69
CA ILE A 124 -3.47 -2.34 -23.10
C ILE A 124 -3.75 -3.59 -22.27
N ILE A 125 -3.85 -3.41 -20.96
CA ILE A 125 -4.20 -4.51 -20.06
C ILE A 125 -5.55 -5.12 -20.42
N LYS A 126 -6.49 -4.28 -20.84
CA LYS A 126 -7.82 -4.73 -21.19
C LYS A 126 -7.84 -5.55 -22.47
N GLU A 127 -7.04 -5.15 -23.45
CA GLU A 127 -6.98 -5.86 -24.72
C GLU A 127 -6.29 -7.22 -24.54
N GLU A 128 -5.43 -7.31 -23.54
CA GLU A 128 -4.65 -8.53 -23.33
C GLU A 128 -5.43 -9.53 -22.48
N VAL A 129 -6.21 -9.03 -21.53
CA VAL A 129 -7.07 -9.88 -20.73
C VAL A 129 -8.16 -10.48 -21.62
N LYS A 130 -8.58 -9.69 -22.61
CA LYS A 130 -9.53 -10.13 -23.64
C LYS A 130 -9.13 -11.48 -24.24
N GLU A 131 -7.83 -11.72 -24.32
CA GLU A 131 -7.31 -12.87 -25.04
C GLU A 131 -6.98 -14.05 -24.14
N ILE A 132 -7.03 -13.84 -22.82
CA ILE A 132 -6.81 -14.94 -21.88
C ILE A 132 -8.00 -15.90 -21.91
N LYS A 133 -7.75 -17.13 -22.35
CA LYS A 133 -8.81 -18.10 -22.60
C LYS A 133 -8.82 -19.26 -21.61
N ASP A 134 -7.69 -19.56 -20.99
CA ASP A 134 -7.61 -20.72 -20.09
C ASP A 134 -8.02 -20.38 -18.67
N ILE A 135 -8.12 -19.08 -18.38
CA ILE A 135 -8.39 -18.59 -17.03
C ILE A 135 -9.54 -17.58 -17.03
N ASP A 136 -10.38 -17.61 -16.00
CA ASP A 136 -11.45 -16.64 -15.85
C ASP A 136 -11.00 -15.35 -15.18
N VAL A 137 -10.75 -14.33 -15.99
CA VAL A 137 -10.29 -13.06 -15.46
C VAL A 137 -10.99 -11.92 -16.18
N SER A 138 -11.30 -10.86 -15.45
CA SER A 138 -11.89 -9.68 -16.05
C SER A 138 -11.34 -8.43 -15.39
N VAL A 139 -11.41 -7.31 -16.11
CA VAL A 139 -10.99 -6.02 -15.58
C VAL A 139 -12.17 -5.30 -14.92
N GLU A 140 -12.04 -4.97 -13.65
CA GLU A 140 -13.09 -4.25 -12.95
C GLU A 140 -13.18 -2.84 -13.52
N LYS A 141 -14.36 -2.23 -13.41
CA LYS A 141 -14.59 -0.91 -13.99
C LYS A 141 -13.75 0.17 -13.26
N GLU A 142 -13.24 1.10 -14.08
CA GLU A 142 -12.42 2.24 -13.63
C GLU A 142 -12.92 2.90 -12.35
N LYS A 143 -11.99 3.48 -11.62
CA LYS A 143 -12.35 4.20 -10.42
C LYS A 143 -11.41 5.37 -10.15
N PRO A 144 -11.96 6.61 -10.28
CA PRO A 144 -11.40 7.84 -9.72
C PRO A 144 -10.93 7.55 -8.29
N GLY A 145 -9.77 8.07 -7.95
CA GLY A 145 -9.25 7.84 -6.63
C GLY A 145 -8.50 6.53 -6.47
N SER A 146 -8.21 5.87 -7.58
CA SER A 146 -7.40 4.66 -7.56
C SER A 146 -6.46 4.65 -8.75
N PRO A 147 -5.18 4.34 -8.50
CA PRO A 147 -4.16 4.27 -9.55
C PRO A 147 -4.04 2.88 -10.17
N ALA A 148 -4.86 1.94 -9.70
CA ALA A 148 -4.70 0.55 -10.10
C ALA A 148 -5.65 0.14 -11.20
N VAL A 149 -5.13 -0.60 -12.16
CA VAL A 149 -5.99 -1.39 -13.03
C VAL A 149 -6.23 -2.70 -12.31
N THR A 150 -7.46 -2.93 -11.86
CA THR A 150 -7.76 -4.08 -11.03
C THR A 150 -8.26 -5.24 -11.86
N LEU A 151 -7.70 -6.43 -11.63
CA LEU A 151 -8.19 -7.63 -12.30
C LEU A 151 -9.09 -8.39 -11.35
N LEU A 152 -10.12 -9.02 -11.91
CA LEU A 152 -10.96 -9.90 -11.12
C LEU A 152 -10.83 -11.31 -11.63
N ILE A 153 -10.26 -12.17 -10.78
CA ILE A 153 -10.06 -13.57 -11.13
C ILE A 153 -10.99 -14.46 -10.31
N ARG A 154 -11.69 -15.34 -11.00
CA ARG A 154 -12.46 -16.37 -10.35
C ARG A 154 -11.74 -17.70 -10.60
N ASN A 155 -11.29 -18.31 -9.51
CA ASN A 155 -10.32 -19.39 -9.57
C ASN A 155 -10.73 -20.84 -9.21
N PRO A 156 -12.02 -21.10 -8.90
CA PRO A 156 -13.31 -20.40 -8.86
C PRO A 156 -13.42 -19.36 -7.75
N GLU A 157 -12.59 -19.46 -6.70
CA GLU A 157 -12.55 -18.41 -5.68
C GLU A 157 -12.28 -17.04 -6.29
N GLU A 158 -12.92 -16.03 -5.75
CA GLU A 158 -12.69 -14.65 -6.20
C GLU A 158 -11.33 -14.14 -5.72
N ILE A 159 -10.47 -13.82 -6.67
CA ILE A 159 -9.16 -13.21 -6.40
C ILE A 159 -9.04 -11.90 -7.16
N SER A 160 -8.50 -10.86 -6.52
CA SER A 160 -8.25 -9.63 -7.23
C SER A 160 -6.75 -9.26 -7.27
N VAL A 161 -6.32 -8.77 -8.42
CA VAL A 161 -4.96 -8.32 -8.62
C VAL A 161 -4.95 -6.84 -9.03
N ASP A 162 -4.48 -5.98 -8.14
CA ASP A 162 -4.25 -4.58 -8.48
C ASP A 162 -2.94 -4.39 -9.22
N ILE A 163 -3.00 -4.06 -10.50
CA ILE A 163 -1.80 -3.75 -11.25
C ILE A 163 -1.56 -2.25 -11.26
N ILE A 164 -0.48 -1.83 -10.62
CA ILE A 164 -0.23 -0.41 -10.40
C ILE A 164 0.97 0.10 -11.19
N LEU A 165 0.69 0.92 -12.20
CA LEU A 165 1.73 1.61 -12.94
C LEU A 165 2.51 2.53 -12.02
N ALA A 166 3.84 2.46 -12.06
CA ALA A 166 4.63 3.38 -11.26
C ALA A 166 5.76 4.01 -12.05
N LEU A 167 6.01 5.28 -11.78
CA LEU A 167 7.20 5.96 -12.30
C LEU A 167 8.30 5.78 -11.29
N GLU A 168 9.46 5.32 -11.77
CA GLU A 168 10.64 5.18 -10.92
C GLU A 168 11.59 6.38 -11.11
N SER A 169 11.94 7.02 -10.00
CA SER A 169 12.91 8.12 -10.04
C SER A 169 14.09 7.84 -9.13
N LYS A 170 15.30 7.91 -9.67
CA LYS A 170 16.48 7.54 -8.91
C LYS A 170 17.08 8.68 -8.08
N GLY A 171 16.60 9.90 -8.29
CA GLY A 171 17.11 11.03 -7.54
C GLY A 171 16.76 10.98 -6.06
N SER A 172 17.17 12.02 -5.33
CA SER A 172 16.81 12.13 -3.92
C SER A 172 15.31 12.25 -3.74
N TRP A 173 14.83 11.79 -2.59
CA TRP A 173 13.43 11.87 -2.25
C TRP A 173 13.01 13.32 -2.09
N PRO A 174 11.76 13.66 -2.45
CA PRO A 174 11.22 15.01 -2.29
C PRO A 174 11.33 15.45 -0.84
N ILE A 175 11.45 16.74 -0.57
CA ILE A 175 11.82 17.15 0.78
C ILE A 175 10.69 16.98 1.78
N SER A 176 9.46 16.83 1.32
CA SER A 176 8.37 16.56 2.27
C SER A 176 8.60 15.19 2.95
N THR A 177 9.62 14.45 2.53
CA THR A 177 9.92 13.17 3.17
C THR A 177 11.11 13.27 4.12
N LYS A 178 11.75 14.45 4.14
CA LYS A 178 13.03 14.63 4.83
C LYS A 178 12.97 14.26 6.30
N GLU A 179 11.83 14.48 6.94
CA GLU A 179 11.70 14.12 8.35
C GLU A 179 10.74 12.94 8.55
N GLY A 180 10.39 12.25 7.47
CA GLY A 180 9.67 10.99 7.57
C GLY A 180 10.58 9.81 7.88
N LEU A 181 10.07 8.59 7.74
CA LEU A 181 10.83 7.36 8.03
C LEU A 181 11.67 7.48 9.31
N PRO A 182 11.02 7.77 10.45
CA PRO A 182 11.81 8.05 11.65
C PRO A 182 12.20 6.77 12.41
N ILE A 183 13.15 6.04 11.86
CA ILE A 183 13.49 4.70 12.35
C ILE A 183 14.86 4.64 13.03
N GLN A 184 15.41 5.80 13.35
CA GLN A 184 16.75 5.91 13.92
C GLN A 184 16.97 5.07 15.17
N GLY A 185 16.01 5.09 16.08
CA GLY A 185 16.14 4.37 17.34
C GLY A 185 15.66 2.94 17.27
N TRP A 186 15.29 2.51 16.07
CA TRP A 186 14.65 1.22 15.87
C TRP A 186 15.44 0.36 14.87
N LEU A 187 15.42 0.74 13.59
CA LEU A 187 16.18 0.02 12.56
C LEU A 187 17.52 0.69 12.36
N GLY A 188 17.60 1.96 12.76
CA GLY A 188 18.86 2.67 12.83
C GLY A 188 19.19 3.54 11.64
N THR A 189 20.32 4.24 11.73
CA THR A 189 20.68 5.27 10.78
C THR A 189 21.25 4.74 9.47
N LYS A 190 22.09 3.70 9.54
CA LYS A 190 22.58 3.05 8.33
C LYS A 190 21.41 2.46 7.48
N VAL A 191 20.47 1.73 8.08
CA VAL A 191 19.25 1.31 7.37
C VAL A 191 18.47 2.52 6.78
N ARG A 192 18.18 3.54 7.59
CA ARG A 192 17.41 4.68 7.09
C ARG A 192 18.09 5.36 5.87
N THR A 193 19.39 5.63 6.00
CA THR A 193 20.17 6.22 4.91
C THR A 193 20.19 5.34 3.67
N ASN A 194 20.45 4.05 3.87
CA ASN A 194 20.40 3.10 2.76
C ASN A 194 19.02 3.04 2.10
N LEU A 195 17.96 3.02 2.90
CA LEU A 195 16.60 3.00 2.34
C LEU A 195 16.34 4.20 1.43
N ARG A 196 16.86 5.37 1.82
CA ARG A 196 16.57 6.63 1.14
C ARG A 196 17.44 6.84 -0.09
N ARG A 197 18.44 5.99 -0.25
CA ARG A 197 19.23 5.97 -1.47
C ARG A 197 18.55 5.13 -2.57
N GLU A 198 17.55 4.34 -2.17
CA GLU A 198 16.75 3.61 -3.15
C GLU A 198 15.89 4.61 -3.91
N PRO A 199 15.41 4.23 -5.10
CA PRO A 199 14.50 5.10 -5.85
C PRO A 199 13.21 5.44 -5.09
N PHE A 200 12.51 6.47 -5.55
CA PHE A 200 11.13 6.64 -5.11
C PHE A 200 10.16 6.47 -6.29
N TYR A 201 8.91 6.23 -5.95
CA TYR A 201 7.91 5.93 -6.96
C TYR A 201 6.73 6.87 -6.88
N LEU A 202 6.19 7.21 -8.06
CA LEU A 202 4.96 7.97 -8.18
C LEU A 202 3.89 7.13 -8.88
N VAL A 203 2.68 7.13 -8.35
CA VAL A 203 1.58 6.38 -8.96
C VAL A 203 0.43 7.29 -9.35
N PRO A 204 -0.31 6.94 -10.42
CA PRO A 204 -1.35 7.83 -10.96
C PRO A 204 -2.63 7.88 -10.12
N LYS A 205 -2.51 8.10 -8.82
CA LYS A 205 -3.67 8.41 -8.02
C LYS A 205 -3.78 9.93 -8.01
N ASN A 206 -4.88 10.44 -8.55
CA ASN A 206 -5.03 11.90 -8.64
C ASN A 206 -5.36 12.51 -7.30
N ALA A 207 -4.85 13.72 -7.07
CA ALA A 207 -5.22 14.48 -5.88
C ALA A 207 -6.66 14.92 -6.03
N LYS A 208 -7.47 14.80 -5.00
CA LYS A 208 -8.82 15.31 -5.10
C LYS A 208 -8.84 16.76 -4.69
N ASP A 209 -9.11 17.68 -5.61
CA ASP A 209 -9.16 19.09 -5.24
C ASP A 209 -10.41 19.39 -4.46
N GLY A 210 -11.55 19.19 -5.07
CA GLY A 210 -12.81 19.42 -4.39
C GLY A 210 -13.66 18.19 -4.41
N ASN A 211 -14.52 18.10 -5.40
CA ASN A 211 -15.10 16.84 -5.73
C ASN A 211 -14.72 16.44 -7.13
N SER A 212 -13.77 17.15 -7.70
CA SER A 212 -13.26 16.74 -8.97
C SER A 212 -12.00 16.00 -8.63
N PHE A 213 -11.35 15.44 -9.63
CA PHE A 213 -9.98 14.98 -9.40
C PHE A 213 -9.06 15.81 -10.28
N GLN A 214 -7.90 16.18 -9.75
CA GLN A 214 -6.91 16.89 -10.56
C GLN A 214 -6.22 15.80 -11.37
N GLY A 215 -6.51 15.77 -12.67
CA GLY A 215 -6.17 14.64 -13.52
C GLY A 215 -4.71 14.39 -13.85
N GLU A 216 -3.85 15.38 -13.65
CA GLU A 216 -2.46 15.19 -14.05
C GLU A 216 -1.53 14.97 -12.87
N THR A 217 -2.05 15.04 -11.65
CA THR A 217 -1.22 14.82 -10.45
C THR A 217 -0.91 13.34 -10.22
N TRP A 218 0.25 13.11 -9.58
CA TRP A 218 0.69 11.77 -9.18
C TRP A 218 0.92 11.73 -7.67
N ARG A 219 0.89 10.53 -7.10
CA ARG A 219 1.09 10.37 -5.66
C ARG A 219 2.37 9.58 -5.33
N LEU A 220 3.05 9.99 -4.27
CA LEU A 220 4.25 9.28 -3.84
C LEU A 220 3.88 7.87 -3.39
N SER A 221 4.76 6.92 -3.60
CA SER A 221 4.53 5.56 -3.11
C SER A 221 5.81 5.01 -2.51
N PHE A 222 5.71 4.46 -1.31
CA PHE A 222 6.86 3.81 -0.68
C PHE A 222 6.55 2.36 -0.36
N SER A 223 5.76 1.73 -1.23
CA SER A 223 5.43 0.32 -1.08
C SER A 223 6.69 -0.54 -0.97
N HIS A 224 7.72 -0.23 -1.75
CA HIS A 224 8.96 -1.02 -1.70
C HIS A 224 9.60 -0.87 -0.34
N THR A 225 9.63 0.36 0.19
CA THR A 225 10.29 0.61 1.47
C THR A 225 9.53 -0.08 2.56
N GLU A 226 8.21 0.04 2.53
CA GLU A 226 7.35 -0.57 3.52
C GLU A 226 7.46 -2.09 3.49
N LYS A 227 7.64 -2.63 2.28
CA LYS A 227 7.87 -4.06 2.13
C LYS A 227 9.19 -4.48 2.81
N TYR A 228 10.25 -3.68 2.63
CA TYR A 228 11.52 -4.02 3.27
C TYR A 228 11.33 -4.06 4.77
N ILE A 229 10.65 -3.06 5.32
CA ILE A 229 10.56 -2.93 6.76
C ILE A 229 9.81 -4.11 7.37
N LEU A 230 8.79 -4.61 6.69
CA LEU A 230 8.06 -5.78 7.17
C LEU A 230 8.97 -7.01 7.24
N ASN A 231 9.77 -7.21 6.20
CA ASN A 231 10.73 -8.31 6.24
C ASN A 231 11.94 -8.05 7.16
N ASN A 232 12.20 -6.81 7.52
CA ASN A 232 13.33 -6.49 8.42
C ASN A 232 12.93 -5.60 9.58
N HIS A 233 12.17 -6.15 10.52
CA HIS A 233 11.34 -5.29 11.37
C HIS A 233 11.83 -5.16 12.81
N GLY A 234 12.90 -5.88 13.13
CA GLY A 234 13.38 -5.89 14.51
C GLY A 234 14.55 -4.95 14.73
N ILE A 235 14.77 -4.56 15.97
CA ILE A 235 16.00 -3.88 16.32
C ILE A 235 17.17 -4.88 16.33
N GLU A 236 16.90 -6.14 16.68
CA GLU A 236 17.94 -7.16 16.55
C GLU A 236 17.87 -7.76 15.16
N LYS A 237 19.03 -7.98 14.55
CA LYS A 237 19.07 -8.51 13.19
C LYS A 237 18.46 -9.92 13.06
N THR A 238 18.36 -10.63 14.17
CA THR A 238 17.89 -12.01 14.14
C THR A 238 16.40 -12.13 14.49
N CYS A 239 15.67 -11.03 14.53
CA CYS A 239 14.24 -11.09 14.83
C CYS A 239 13.50 -11.93 13.80
N CYS A 240 12.86 -12.99 14.27
CA CYS A 240 12.12 -13.89 13.42
C CYS A 240 12.94 -14.71 12.44
N GLU A 241 14.23 -14.85 12.67
CA GLU A 241 15.09 -15.73 11.90
C GLU A 241 15.22 -17.09 12.58
N SER A 242 15.75 -18.09 11.88
CA SER A 242 15.93 -19.41 12.45
C SER A 242 16.80 -19.43 13.68
N SER A 243 17.75 -18.52 13.80
CA SER A 243 18.54 -18.45 14.99
C SER A 243 18.18 -17.29 15.86
N GLY A 244 17.00 -16.74 15.67
CA GLY A 244 16.54 -15.64 16.48
C GLY A 244 15.24 -15.88 17.22
N ALA A 245 14.72 -14.81 17.81
CA ALA A 245 13.49 -14.86 18.56
C ALA A 245 12.35 -14.36 17.75
N LYS A 246 11.22 -15.04 17.85
CA LYS A 246 10.00 -14.67 17.20
C LYS A 246 9.42 -13.51 17.94
N CYS A 247 8.90 -12.53 17.23
CA CYS A 247 8.15 -11.49 17.88
C CYS A 247 6.72 -11.51 17.41
N CYS A 248 5.89 -10.67 17.98
CA CYS A 248 4.50 -10.61 17.60
C CYS A 248 4.08 -9.40 16.79
N ARG A 249 5.02 -8.66 16.27
CA ARG A 249 4.70 -7.48 15.52
C ARG A 249 3.69 -7.77 14.43
N LYS A 250 3.98 -8.70 13.55
CA LYS A 250 3.12 -8.96 12.42
C LYS A 250 1.77 -9.49 12.88
N GLU A 251 1.78 -10.31 13.90
CA GLU A 251 0.55 -10.81 14.47
C GLU A 251 -0.35 -9.66 14.90
N CYS A 252 0.20 -8.60 15.48
CA CYS A 252 -0.59 -7.45 15.85
C CYS A 252 -1.17 -6.74 14.65
N LEU A 253 -0.38 -6.59 13.61
CA LEU A 253 -0.89 -5.98 12.39
C LEU A 253 -2.08 -6.78 11.82
N LYS A 254 -2.00 -8.10 11.87
CA LYS A 254 -3.09 -8.93 11.33
C LYS A 254 -4.35 -8.79 12.17
N LEU A 255 -4.18 -8.73 13.48
CA LEU A 255 -5.31 -8.63 14.39
C LEU A 255 -6.05 -7.30 14.19
N MET A 256 -5.29 -6.22 14.03
CA MET A 256 -5.87 -4.90 13.82
C MET A 256 -6.49 -4.83 12.42
N LYS A 257 -5.86 -5.49 11.45
CA LYS A 257 -6.44 -5.61 10.11
C LYS A 257 -7.79 -6.32 10.16
N TYR A 258 -7.81 -7.46 10.84
CA TYR A 258 -9.04 -8.25 10.95
C TYR A 258 -10.15 -7.41 11.57
N LEU A 259 -9.83 -6.76 12.68
CA LEU A 259 -10.79 -5.93 13.40
C LEU A 259 -11.43 -4.88 12.49
N LEU A 260 -10.59 -4.18 11.72
CA LEU A 260 -11.09 -3.15 10.83
C LEU A 260 -11.93 -3.75 9.70
N GLU A 261 -11.46 -4.83 9.12
CA GLU A 261 -12.13 -5.37 7.94
C GLU A 261 -13.53 -5.90 8.30
N GLN A 262 -13.68 -6.41 9.52
CA GLN A 262 -14.96 -6.89 10.01
C GLN A 262 -15.93 -5.74 10.19
N LEU A 263 -15.45 -4.66 10.79
CA LEU A 263 -16.28 -3.49 11.01
C LEU A 263 -16.66 -2.86 9.69
N LYS A 264 -15.75 -2.90 8.72
CA LYS A 264 -16.07 -2.33 7.40
C LYS A 264 -17.15 -3.15 6.66
N LYS A 265 -17.20 -4.45 6.93
CA LYS A 265 -18.14 -5.34 6.23
C LYS A 265 -19.59 -4.98 6.53
N GLU A 266 -19.91 -4.75 7.79
CA GLU A 266 -21.30 -4.51 8.16
C GLU A 266 -21.62 -3.05 8.43
N PHE A 267 -20.65 -2.17 8.23
CA PHE A 267 -20.91 -0.74 8.41
C PHE A 267 -20.35 0.06 7.25
N GLN A 268 -21.21 0.62 6.42
CA GLN A 268 -20.68 1.44 5.33
C GLN A 268 -20.46 2.89 5.79
N GLU A 269 -20.47 3.12 7.09
CA GLU A 269 -20.07 4.42 7.59
C GLU A 269 -18.55 4.47 7.64
N LEU A 270 -17.94 3.35 7.22
CA LEU A 270 -16.50 3.19 7.33
C LEU A 270 -15.80 2.96 6.00
N ASP A 271 -16.45 3.27 4.86
CA ASP A 271 -15.78 3.05 3.57
C ASP A 271 -14.56 3.93 3.39
N ALA A 272 -14.46 4.98 4.18
CA ALA A 272 -13.34 5.89 4.08
C ALA A 272 -12.07 5.20 4.61
N PHE A 273 -12.20 4.50 5.73
CA PHE A 273 -11.08 3.78 6.32
C PHE A 273 -10.64 2.58 5.48
N CYS A 274 -9.43 2.09 5.78
CA CYS A 274 -8.79 1.06 4.98
C CYS A 274 -7.57 0.49 5.71
N SER A 275 -6.93 -0.52 5.11
CA SER A 275 -5.81 -1.19 5.75
C SER A 275 -4.61 -0.25 5.97
N TYR A 276 -4.28 0.58 4.98
CA TYR A 276 -3.13 1.49 5.09
C TYR A 276 -3.16 2.36 6.33
N HIS A 277 -4.35 2.69 6.81
CA HIS A 277 -4.47 3.44 8.05
C HIS A 277 -3.91 2.61 9.20
N VAL A 278 -4.27 1.33 9.24
CA VAL A 278 -3.82 0.41 10.29
C VAL A 278 -2.31 0.17 10.19
N LYS A 279 -1.84 0.03 8.96
CA LYS A 279 -0.43 -0.15 8.68
C LYS A 279 0.38 1.08 9.12
N THR A 280 -0.09 2.26 8.71
CA THR A 280 0.55 3.52 9.12
C THR A 280 0.60 3.60 10.62
N ALA A 281 -0.51 3.31 11.29
CA ALA A 281 -0.55 3.33 12.74
C ALA A 281 0.46 2.38 13.39
N ILE A 282 0.61 1.15 12.88
CA ILE A 282 1.49 0.22 13.56
C ILE A 282 2.96 0.60 13.35
N PHE A 283 3.27 1.19 12.20
CA PHE A 283 4.59 1.71 11.96
C PHE A 283 5.00 2.69 13.07
N HIS A 284 4.07 3.57 13.45
CA HIS A 284 4.31 4.50 14.54
C HIS A 284 4.48 3.77 15.87
N MET A 285 3.71 2.71 16.09
CA MET A 285 3.86 1.91 17.30
C MET A 285 5.25 1.29 17.37
N TRP A 286 5.70 0.77 16.23
CA TRP A 286 7.01 0.14 16.10
C TRP A 286 8.15 1.14 16.32
N THR A 287 7.87 2.42 16.08
CA THR A 287 8.82 3.48 16.33
C THR A 287 8.77 3.87 17.81
N GLN A 288 7.56 3.86 18.36
CA GLN A 288 7.34 4.18 19.76
C GLN A 288 7.89 3.08 20.66
N ASP A 289 7.74 1.83 20.24
CA ASP A 289 8.26 0.68 20.99
C ASP A 289 9.18 -0.16 20.12
N PRO A 290 10.42 0.30 19.93
CA PRO A 290 11.39 -0.31 19.01
C PRO A 290 11.99 -1.60 19.53
N GLN A 291 11.97 -1.80 20.84
CA GLN A 291 12.60 -2.99 21.43
C GLN A 291 11.87 -4.29 21.07
N ASP A 292 12.63 -5.29 20.63
CA ASP A 292 12.07 -6.60 20.32
C ASP A 292 11.40 -7.20 21.55
N SER A 293 11.98 -6.95 22.71
CA SER A 293 11.45 -7.48 23.96
C SER A 293 10.01 -7.02 24.22
N GLN A 294 9.65 -5.85 23.71
CA GLN A 294 8.31 -5.30 23.89
C GLN A 294 7.27 -6.06 23.06
N TRP A 295 7.71 -6.71 21.99
CA TRP A 295 6.81 -7.48 21.13
C TRP A 295 7.09 -8.98 21.23
N ASP A 296 7.31 -9.43 22.47
CA ASP A 296 7.42 -10.85 22.77
C ASP A 296 6.04 -11.47 22.67
N PRO A 297 5.91 -12.59 21.94
CA PRO A 297 4.62 -13.28 21.74
C PRO A 297 3.85 -13.47 23.04
N ARG A 298 4.55 -13.78 24.12
CA ARG A 298 3.98 -13.81 25.46
C ARG A 298 3.11 -12.58 25.76
N ASN A 299 3.45 -11.47 25.12
CA ASN A 299 2.82 -10.18 25.41
C ASN A 299 1.80 -9.75 24.37
N LEU A 300 1.30 -10.70 23.59
CA LEU A 300 0.43 -10.39 22.46
C LEU A 300 -0.75 -9.51 22.86
N SER A 301 -1.44 -9.90 23.93
CA SER A 301 -2.62 -9.19 24.39
C SER A 301 -2.37 -7.71 24.67
N SER A 302 -1.28 -7.41 25.39
CA SER A 302 -0.99 -6.03 25.76
C SER A 302 -0.47 -5.22 24.57
N CYS A 303 0.22 -5.87 23.66
CA CYS A 303 0.70 -5.21 22.45
C CYS A 303 -0.43 -4.84 21.52
N PHE A 304 -1.42 -5.72 21.41
CA PHE A 304 -2.59 -5.42 20.59
C PHE A 304 -3.39 -4.29 21.19
N ASP A 305 -3.58 -4.32 22.50
CA ASP A 305 -4.39 -3.31 23.19
C ASP A 305 -3.70 -1.94 23.14
N LYS A 306 -2.37 -1.92 23.23
CA LYS A 306 -1.59 -0.69 23.07
C LYS A 306 -1.76 -0.09 21.69
N LEU A 307 -1.72 -0.96 20.67
CA LEU A 307 -2.04 -0.57 19.30
C LEU A 307 -3.45 0.01 19.21
N LEU A 308 -4.41 -0.65 19.85
CA LEU A 308 -5.80 -0.18 19.86
C LEU A 308 -5.92 1.18 20.54
N ALA A 309 -5.29 1.33 21.70
CA ALA A 309 -5.31 2.60 22.42
C ALA A 309 -4.72 3.71 21.56
N PHE A 310 -3.64 3.39 20.85
CA PHE A 310 -2.98 4.39 20.03
C PHE A 310 -3.83 4.75 18.83
N PHE A 311 -4.56 3.79 18.30
CA PHE A 311 -5.40 4.03 17.12
C PHE A 311 -6.64 4.83 17.50
N LEU A 312 -7.17 4.58 18.69
CA LEU A 312 -8.26 5.37 19.25
C LEU A 312 -7.81 6.81 19.50
N GLU A 313 -6.53 7.00 19.83
CA GLU A 313 -6.03 8.33 20.13
C GLU A 313 -5.82 9.12 18.84
N CYS A 314 -5.48 8.41 17.77
CA CYS A 314 -5.32 9.04 16.47
C CYS A 314 -6.67 9.51 15.94
N LEU A 315 -7.67 8.64 16.10
CA LEU A 315 -9.04 8.97 15.72
C LEU A 315 -9.54 10.19 16.49
N ARG A 316 -9.54 10.08 17.81
CA ARG A 316 -9.99 11.12 18.71
C ARG A 316 -9.41 12.51 18.40
N THR A 317 -8.10 12.56 18.17
CA THR A 317 -7.40 13.81 17.90
C THR A 317 -7.31 14.10 16.42
N GLU A 318 -8.01 13.33 15.61
CA GLU A 318 -8.11 13.60 14.18
C GLU A 318 -6.72 13.77 13.55
N LYS A 319 -5.80 12.85 13.86
CA LYS A 319 -4.43 12.95 13.36
C LYS A 319 -3.68 11.61 13.24
N LEU A 320 -3.37 11.27 12.01
CA LEU A 320 -2.56 10.14 11.68
C LEU A 320 -1.55 10.55 10.62
N ASP A 321 -0.36 10.91 11.06
CA ASP A 321 0.69 11.35 10.15
C ASP A 321 1.14 10.21 9.25
N HIS A 322 1.19 10.47 7.96
CA HIS A 322 1.82 9.55 7.01
C HIS A 322 3.22 9.24 7.53
N TYR A 323 3.66 7.99 7.41
CA TYR A 323 4.90 7.58 8.03
C TYR A 323 6.11 8.18 7.31
N PHE A 324 5.98 8.43 6.01
CA PHE A 324 7.08 8.94 5.21
C PHE A 324 6.98 10.45 4.95
N ILE A 325 5.76 10.97 5.08
CA ILE A 325 5.44 12.34 4.73
C ILE A 325 4.65 12.96 5.88
N PRO A 326 5.36 13.43 6.90
CA PRO A 326 4.69 13.82 8.15
C PRO A 326 3.69 14.98 8.01
N LYS A 327 3.81 15.79 6.95
CA LYS A 327 2.81 16.85 6.69
C LYS A 327 1.45 16.24 6.38
N PHE A 328 1.46 15.10 5.70
CA PHE A 328 0.22 14.54 5.16
C PHE A 328 -0.57 13.83 6.25
N ASN A 329 -1.67 14.45 6.66
CA ASN A 329 -2.55 13.89 7.67
C ASN A 329 -3.66 13.07 7.04
N LEU A 330 -3.54 11.74 7.14
CA LEU A 330 -4.51 10.81 6.59
C LEU A 330 -5.86 10.87 7.29
N PHE A 331 -5.89 11.51 8.45
CA PHE A 331 -7.10 11.64 9.23
C PHE A 331 -7.53 13.08 9.32
N SER A 332 -7.20 13.87 8.29
CA SER A 332 -7.66 15.25 8.25
C SER A 332 -9.15 15.22 7.93
N GLN A 333 -9.85 16.28 8.34
CA GLN A 333 -11.30 16.39 8.14
C GLN A 333 -11.66 16.34 6.66
N GLU A 334 -10.71 16.69 5.80
CA GLU A 334 -10.94 16.79 4.36
C GLU A 334 -10.94 15.41 3.69
N LEU A 335 -10.17 14.47 4.25
CA LEU A 335 -10.12 13.09 3.73
C LEU A 335 -11.13 12.19 4.40
N ILE A 336 -11.27 12.33 5.70
CA ILE A 336 -12.20 11.53 6.49
C ILE A 336 -12.98 12.46 7.40
N ASP A 337 -14.29 12.53 7.21
CA ASP A 337 -15.10 13.48 7.98
C ASP A 337 -15.13 13.09 9.44
N ARG A 338 -15.29 14.08 10.30
CA ARG A 338 -15.27 13.88 11.75
C ARG A 338 -16.20 12.74 12.13
N LYS A 339 -17.47 12.85 11.74
CA LYS A 339 -18.50 11.86 12.06
C LYS A 339 -18.04 10.42 11.91
N SER A 340 -17.38 10.12 10.78
CA SER A 340 -16.79 8.79 10.54
C SER A 340 -15.83 8.38 11.65
N LYS A 341 -14.88 9.26 11.97
CA LYS A 341 -13.86 8.96 12.97
C LYS A 341 -14.48 8.67 14.34
N GLU A 342 -15.55 9.36 14.69
CA GLU A 342 -16.22 9.08 15.97
C GLU A 342 -17.01 7.77 15.93
N PHE A 343 -17.55 7.43 14.77
CA PHE A 343 -18.29 6.18 14.62
C PHE A 343 -17.35 4.99 14.80
N LEU A 344 -16.21 5.03 14.11
CA LEU A 344 -15.19 3.99 14.24
C LEU A 344 -14.65 3.91 15.67
N SER A 345 -14.52 5.06 16.31
CA SER A 345 -14.06 5.10 17.70
C SER A 345 -15.01 4.34 18.62
N LYS A 346 -16.31 4.56 18.46
CA LYS A 346 -17.29 3.91 19.33
C LYS A 346 -17.37 2.40 19.07
N LYS A 347 -17.18 1.99 17.83
CA LYS A 347 -17.24 0.57 17.50
C LYS A 347 -16.01 -0.15 18.05
N ILE A 348 -14.84 0.44 17.85
CA ILE A 348 -13.62 -0.11 18.37
C ILE A 348 -13.70 -0.23 19.89
N GLU A 349 -14.06 0.87 20.55
CA GLU A 349 -14.19 0.89 22.01
C GLU A 349 -15.14 -0.19 22.49
N TYR A 350 -16.22 -0.40 21.73
CA TYR A 350 -17.19 -1.43 22.06
C TYR A 350 -16.58 -2.84 22.06
N GLU A 351 -15.95 -3.19 20.94
CA GLU A 351 -15.31 -4.50 20.79
C GLU A 351 -14.23 -4.70 21.85
N ARG A 352 -13.47 -3.65 22.11
CA ARG A 352 -12.36 -3.72 23.05
C ARG A 352 -12.84 -4.11 24.45
N ASN A 353 -13.95 -3.52 24.87
CA ASN A 353 -14.46 -3.77 26.22
C ASN A 353 -15.34 -5.00 26.32
N ASN A 354 -15.66 -5.60 25.18
CA ASN A 354 -16.54 -6.77 25.16
C ASN A 354 -15.86 -8.06 24.70
N GLY A 355 -14.53 -8.05 24.72
CA GLY A 355 -13.76 -9.22 24.33
C GLY A 355 -13.82 -9.51 22.85
N PHE A 356 -13.97 -8.45 22.04
CA PHE A 356 -14.04 -8.57 20.59
C PHE A 356 -14.99 -9.69 20.13
N PRO A 357 -16.31 -9.49 20.29
CA PRO A 357 -17.26 -10.47 19.75
C PRO A 357 -17.22 -10.54 18.22
N ILE A 358 -16.86 -9.44 17.57
CA ILE A 358 -16.86 -9.41 16.11
C ILE A 358 -15.85 -10.39 15.52
N PHE A 359 -14.87 -10.81 16.33
CA PHE A 359 -13.93 -11.83 15.92
C PHE A 359 -14.59 -13.21 15.66
N ASP A 360 -15.92 -13.24 15.66
CA ASP A 360 -16.69 -14.46 15.43
C ASP A 360 -17.85 -14.23 14.46
#